data_5JJX
#
_entry.id   5JJX
#
_cell.length_a   135.113
_cell.length_b   135.113
_cell.length_c   43.210
_cell.angle_alpha   90.000
_cell.angle_beta   90.000
_cell.angle_gamma   120.000
#
_symmetry.space_group_name_H-M   'P 63'
#
loop_
_entity.id
_entity.type
_entity.pdbx_description
1 polymer 'Squamous cell carcinoma antigen recognized by T-cells 3'
2 non-polymer 'CHLORIDE ION'
3 non-polymer 'UNKNOWN ATOM OR ION'
4 water water
#
_entity_poly.entity_id   1
_entity_poly.type   'polypeptide(L)'
_entity_poly.pdbx_seq_one_letter_code
;GGEYEWEYDEEEEKNQLEIERLEEQLSINVYDYNCHVDLIRLLRLEGELTKVRMARQKMSEIFPLTEELWLEWLHDEISM
AQDGLDREHVYDLFEKAVKDYICPNIWLEYGQYSVGGIGQKGGLEKVRSVFERALSSVGLHMTKGLALWEAYREFESAIV
EAARLEKVHSLFRRQLAIPLYDMEATFAEYEEWSEDPIPESVIQNYNKALQQLEKYKPYEEALLQAEAPRLAEYQAYIDF
EMKIGDPARIQLIFERALVENCLVPDLWIRYSQYLDRQLKVKDLVLSVHNRAIRNCPWTVALWSRYLLAMERHG
;
_entity_poly.pdbx_strand_id   A
#
# COMPACT_ATOMS: atom_id res chain seq x y z
N GLU A 11 -35.55 -3.13 18.66
CA GLU A 11 -35.19 -3.75 17.34
C GLU A 11 -34.00 -4.73 17.43
N GLU A 12 -33.69 -5.25 18.63
CA GLU A 12 -32.62 -6.25 18.79
C GLU A 12 -32.97 -7.55 18.06
N GLU A 13 -34.20 -8.03 18.24
CA GLU A 13 -34.69 -9.22 17.54
C GLU A 13 -34.69 -9.03 16.02
N LYS A 14 -35.03 -7.83 15.55
CA LYS A 14 -34.94 -7.46 14.12
C LYS A 14 -33.50 -7.60 13.60
N ASN A 15 -32.54 -7.06 14.37
CA ASN A 15 -31.12 -7.08 14.01
C ASN A 15 -30.58 -8.52 13.98
N GLN A 16 -30.73 -9.20 15.12
CA GLN A 16 -30.31 -10.60 15.28
C GLN A 16 -30.86 -11.54 14.21
N LEU A 17 -32.10 -11.30 13.79
CA LEU A 17 -32.70 -12.02 12.66
C LEU A 17 -31.91 -11.79 11.35
N GLU A 18 -31.57 -10.53 11.06
CA GLU A 18 -30.80 -10.23 9.83
C GLU A 18 -29.31 -10.59 9.95
N ILE A 19 -28.77 -10.60 11.18
CA ILE A 19 -27.45 -11.23 11.44
C ILE A 19 -27.47 -12.73 11.10
N GLU A 20 -28.47 -13.45 11.60
CA GLU A 20 -28.62 -14.89 11.30
C GLU A 20 -28.86 -15.15 9.80
N ARG A 21 -29.60 -14.25 9.13
CA ARG A 21 -29.89 -14.39 7.70
C ARG A 21 -28.60 -14.28 6.86
N LEU A 22 -27.84 -13.24 7.15
CA LEU A 22 -26.53 -12.98 6.52
C LEU A 22 -25.56 -14.14 6.75
N GLU A 23 -25.51 -14.61 8.00
CA GLU A 23 -24.76 -15.83 8.35
C GLU A 23 -25.19 -17.05 7.50
N GLU A 24 -26.50 -17.34 7.47
CA GLU A 24 -27.01 -18.43 6.63
C GLU A 24 -26.60 -18.25 5.15
N GLN A 25 -26.75 -17.02 4.64
CA GLN A 25 -26.33 -16.67 3.28
C GLN A 25 -24.83 -16.92 3.06
N LEU A 26 -24.01 -16.64 4.07
CA LEU A 26 -22.58 -16.95 3.99
C LEU A 26 -22.29 -18.46 4.05
N SER A 27 -23.06 -19.22 4.84
CA SER A 27 -22.91 -20.67 4.82
C SER A 27 -23.38 -21.26 3.49
N ILE A 28 -24.39 -20.62 2.87
CA ILE A 28 -24.81 -20.96 1.51
C ILE A 28 -23.69 -20.62 0.54
N ASN A 29 -23.18 -19.39 0.62
CA ASN A 29 -22.11 -18.91 -0.25
C ASN A 29 -21.15 -17.95 0.45
N VAL A 30 -19.98 -18.46 0.82
CA VAL A 30 -18.96 -17.67 1.53
C VAL A 30 -18.34 -16.58 0.65
N TYR A 31 -18.39 -16.76 -0.67
CA TYR A 31 -17.81 -15.79 -1.62
C TYR A 31 -18.67 -14.56 -1.95
N ASP A 32 -19.67 -14.28 -1.12
CA ASP A 32 -20.48 -13.07 -1.25
C ASP A 32 -19.83 -11.93 -0.43
N TYR A 33 -19.00 -11.14 -1.08
CA TYR A 33 -18.27 -10.00 -0.46
C TYR A 33 -19.13 -8.99 0.29
N ASN A 34 -20.23 -8.55 -0.32
CA ASN A 34 -21.10 -7.53 0.29
C ASN A 34 -21.80 -8.02 1.53
N CYS A 35 -22.13 -9.32 1.55
CA CYS A 35 -22.71 -9.96 2.73
C CYS A 35 -21.74 -9.91 3.92
N HIS A 36 -20.48 -10.26 3.67
CA HIS A 36 -19.41 -10.11 4.67
C HIS A 36 -19.36 -8.70 5.23
N VAL A 37 -19.34 -7.72 4.33
CA VAL A 37 -19.25 -6.31 4.72
C VAL A 37 -20.49 -5.89 5.54
N ASP A 38 -21.67 -6.28 5.07
CA ASP A 38 -22.94 -5.97 5.76
C ASP A 38 -22.93 -6.58 7.17
N LEU A 39 -22.65 -7.88 7.24
CA LEU A 39 -22.51 -8.59 8.51
C LEU A 39 -21.57 -7.87 9.47
N ILE A 40 -20.38 -7.47 9.00
CA ILE A 40 -19.38 -6.80 9.86
C ILE A 40 -19.87 -5.41 10.31
N ARG A 41 -20.56 -4.69 9.43
CA ARG A 41 -21.04 -3.33 9.74
C ARG A 41 -22.00 -3.31 10.94
N LEU A 42 -22.98 -4.21 10.91
CA LEU A 42 -23.95 -4.38 12.00
C LEU A 42 -23.26 -4.57 13.34
N LEU A 43 -22.38 -5.57 13.37
CA LEU A 43 -21.81 -6.06 14.60
C LEU A 43 -20.92 -5.03 15.29
N ARG A 44 -20.30 -4.12 14.52
CA ARG A 44 -19.46 -3.05 15.08
C ARG A 44 -20.34 -2.05 15.84
N LEU A 45 -21.51 -1.75 15.24
CA LEU A 45 -22.51 -0.86 15.83
C LEU A 45 -23.10 -1.53 17.04
N GLU A 46 -23.56 -2.77 16.86
CA GLU A 46 -24.11 -3.57 17.97
C GLU A 46 -23.14 -3.84 19.12
N GLY A 47 -21.86 -3.56 18.96
CA GLY A 47 -20.87 -3.71 20.02
C GLY A 47 -20.44 -5.15 20.28
N GLU A 48 -20.86 -6.10 19.45
CA GLU A 48 -20.42 -7.50 19.54
C GLU A 48 -18.96 -7.61 19.07
N LEU A 49 -18.04 -7.09 19.89
CA LEU A 49 -16.63 -6.95 19.52
C LEU A 49 -15.99 -8.29 19.11
N THR A 50 -16.41 -9.36 19.77
CA THR A 50 -15.86 -10.69 19.52
C THR A 50 -16.29 -11.20 18.15
N LYS A 51 -17.56 -11.10 17.84
CA LYS A 51 -18.05 -11.57 16.55
C LYS A 51 -17.58 -10.71 15.37
N VAL A 52 -17.36 -9.41 15.60
CA VAL A 52 -16.79 -8.51 14.58
C VAL A 52 -15.37 -8.95 14.21
N ARG A 53 -14.55 -9.25 15.22
CA ARG A 53 -13.17 -9.66 14.99
C ARG A 53 -13.12 -10.99 14.23
N MET A 54 -13.95 -11.95 14.65
CA MET A 54 -14.06 -13.23 13.95
C MET A 54 -14.53 -13.07 12.50
N ALA A 55 -15.52 -12.21 12.27
CA ALA A 55 -16.03 -11.94 10.93
C ALA A 55 -14.99 -11.30 10.03
N ARG A 56 -14.26 -10.33 10.60
CA ARG A 56 -13.14 -9.72 9.89
C ARG A 56 -12.07 -10.74 9.52
N GLN A 57 -11.73 -11.61 10.47
CA GLN A 57 -10.71 -12.62 10.23
C GLN A 57 -11.12 -13.53 9.08
N LYS A 58 -12.38 -13.97 9.09
CA LYS A 58 -12.89 -14.85 8.05
C LYS A 58 -13.02 -14.18 6.72
N MET A 59 -13.52 -12.94 6.71
CA MET A 59 -13.54 -12.17 5.47
C MET A 59 -12.13 -12.02 4.87
N SER A 60 -11.16 -11.69 5.70
CA SER A 60 -9.82 -11.42 5.21
C SER A 60 -9.08 -12.70 4.75
N GLU A 61 -9.50 -13.87 5.23
CA GLU A 61 -9.02 -15.15 4.67
C GLU A 61 -9.51 -15.36 3.24
N ILE A 62 -10.75 -14.98 2.98
CA ILE A 62 -11.36 -15.17 1.69
C ILE A 62 -10.95 -14.07 0.72
N PHE A 63 -10.95 -12.81 1.14
CA PHE A 63 -10.76 -11.68 0.22
C PHE A 63 -9.57 -10.79 0.57
N PRO A 64 -8.83 -10.34 -0.46
CA PRO A 64 -8.02 -9.14 -0.34
C PRO A 64 -8.93 -7.99 0.07
N LEU A 65 -8.48 -7.15 1.01
CA LEU A 65 -9.28 -6.02 1.48
C LEU A 65 -8.75 -4.70 0.96
N THR A 66 -9.66 -3.75 0.79
CA THR A 66 -9.31 -2.37 0.41
C THR A 66 -8.67 -1.69 1.60
N GLU A 67 -8.02 -0.56 1.34
CA GLU A 67 -7.42 0.24 2.40
C GLU A 67 -8.41 0.62 3.48
N GLU A 68 -9.62 1.01 3.07
CA GLU A 68 -10.64 1.41 4.03
C GLU A 68 -11.01 0.29 4.98
N LEU A 69 -11.25 -0.90 4.46
CA LEU A 69 -11.61 -2.03 5.32
C LEU A 69 -10.50 -2.40 6.29
N TRP A 70 -9.25 -2.37 5.84
CA TRP A 70 -8.13 -2.68 6.72
C TRP A 70 -8.03 -1.67 7.84
N LEU A 71 -8.15 -0.39 7.49
CA LEU A 71 -7.94 0.69 8.43
C LEU A 71 -9.00 0.72 9.53
N GLU A 72 -10.25 0.39 9.19
CA GLU A 72 -11.33 0.26 10.21
C GLU A 72 -10.97 -0.81 11.25
N TRP A 73 -10.48 -1.95 10.76
CA TRP A 73 -10.05 -3.01 11.61
C TRP A 73 -8.85 -2.58 12.44
N LEU A 74 -7.81 -2.06 11.78
CA LEU A 74 -6.61 -1.66 12.51
C LEU A 74 -6.90 -0.62 13.60
N HIS A 75 -7.72 0.38 13.28
CA HIS A 75 -8.13 1.37 14.28
C HIS A 75 -8.75 0.77 15.52
N ASP A 76 -9.70 -0.16 15.35
CA ASP A 76 -10.32 -0.82 16.48
C ASP A 76 -9.29 -1.61 17.31
N GLU A 77 -8.41 -2.33 16.62
CA GLU A 77 -7.40 -3.14 17.30
C GLU A 77 -6.36 -2.28 17.99
N ILE A 78 -5.95 -1.16 17.39
CA ILE A 78 -5.05 -0.23 18.06
C ILE A 78 -5.64 0.23 19.41
N SER A 79 -6.92 0.56 19.44
CA SER A 79 -7.55 1.10 20.65
C SER A 79 -7.69 0.03 21.70
N MET A 80 -7.94 -1.19 21.27
CA MET A 80 -8.10 -2.30 22.20
C MET A 80 -6.78 -2.86 22.74
N ALA A 81 -5.65 -2.57 22.09
CA ALA A 81 -4.34 -3.04 22.54
C ALA A 81 -3.88 -2.30 23.79
N GLN A 82 -3.58 -3.05 24.85
CA GLN A 82 -3.20 -2.45 26.13
C GLN A 82 -1.75 -2.60 26.56
N ASP A 83 -1.09 -3.67 26.11
CA ASP A 83 0.29 -3.96 26.53
C ASP A 83 1.19 -4.24 25.32
N GLY A 84 2.47 -4.47 25.59
CA GLY A 84 3.49 -4.79 24.58
C GLY A 84 3.13 -5.97 23.69
N LEU A 85 2.48 -6.97 24.28
CA LEU A 85 2.12 -8.17 23.54
C LEU A 85 0.94 -7.94 22.58
N ASP A 86 -0.09 -7.25 23.08
CA ASP A 86 -1.18 -6.77 22.21
C ASP A 86 -0.63 -5.93 21.06
N ARG A 87 0.30 -5.02 21.36
CA ARG A 87 0.93 -4.18 20.35
C ARG A 87 1.59 -5.03 19.24
N GLU A 88 2.28 -6.09 19.63
CA GLU A 88 2.92 -6.97 18.64
C GLU A 88 1.90 -7.63 17.75
N HIS A 89 0.74 -8.00 18.31
CA HIS A 89 -0.33 -8.59 17.51
C HIS A 89 -0.95 -7.57 16.57
N VAL A 90 -0.97 -6.29 16.97
CA VAL A 90 -1.40 -5.22 16.06
C VAL A 90 -0.37 -5.06 14.92
N TYR A 91 0.93 -5.10 15.22
CA TYR A 91 1.95 -5.11 14.18
C TYR A 91 1.78 -6.29 13.22
N ASP A 92 1.46 -7.47 13.75
CA ASP A 92 1.15 -8.64 12.93
C ASP A 92 -0.02 -8.34 11.97
N LEU A 93 -1.03 -7.60 12.45
CA LEU A 93 -2.16 -7.21 11.61
C LEU A 93 -1.76 -6.22 10.50
N PHE A 94 -0.90 -5.26 10.82
CA PHE A 94 -0.32 -4.38 9.81
C PHE A 94 0.43 -5.17 8.73
N GLU A 95 1.20 -6.17 9.15
CA GLU A 95 1.97 -6.97 8.20
C GLU A 95 1.07 -7.72 7.22
N LYS A 96 -0.04 -8.23 7.71
CA LYS A 96 -1.06 -8.88 6.88
C LYS A 96 -1.67 -7.80 5.95
N ALA A 97 -1.99 -6.65 6.53
CA ALA A 97 -2.68 -5.57 5.80
C ALA A 97 -1.94 -5.02 4.60
N VAL A 98 -0.63 -4.87 4.70
CA VAL A 98 0.14 -4.25 3.63
C VAL A 98 0.37 -5.17 2.43
N LYS A 99 0.04 -6.46 2.57
CA LYS A 99 0.28 -7.43 1.49
C LYS A 99 -0.68 -7.32 0.32
N ASP A 100 -1.91 -6.83 0.53
CA ASP A 100 -2.95 -7.00 -0.52
C ASP A 100 -2.75 -6.12 -1.75
N TYR A 101 -2.59 -4.81 -1.51
CA TYR A 101 -2.38 -3.83 -2.56
C TYR A 101 -1.48 -2.74 -2.04
N ILE A 102 -0.88 -1.94 -2.94
N ILE A 102 -0.93 -1.94 -2.95
CA ILE A 102 -0.10 -0.80 -2.44
CA ILE A 102 -0.16 -0.75 -2.56
C ILE A 102 -1.03 0.12 -1.67
C ILE A 102 -1.05 0.15 -1.68
N CYS A 103 -0.52 0.66 -0.57
CA CYS A 103 -1.37 1.23 0.46
C CYS A 103 -0.68 2.34 1.26
N PRO A 104 -0.51 3.53 0.65
CA PRO A 104 0.16 4.67 1.27
C PRO A 104 -0.42 5.06 2.63
N ASN A 105 -1.74 5.01 2.74
CA ASN A 105 -2.41 5.33 4.00
C ASN A 105 -2.22 4.31 5.09
N ILE A 106 -2.18 3.02 4.74
CA ILE A 106 -1.86 2.01 5.75
C ILE A 106 -0.45 2.21 6.25
N TRP A 107 0.49 2.44 5.34
CA TRP A 107 1.86 2.75 5.74
C TRP A 107 1.96 3.96 6.65
N LEU A 108 1.26 5.04 6.33
CA LEU A 108 1.26 6.22 7.22
C LEU A 108 0.77 5.89 8.60
N GLU A 109 -0.28 5.10 8.68
CA GLU A 109 -0.84 4.70 9.96
C GLU A 109 0.07 3.73 10.71
N TYR A 110 0.79 2.88 9.97
CA TYR A 110 1.77 1.97 10.56
C TYR A 110 2.88 2.79 11.20
N GLY A 111 3.39 3.77 10.43
CA GLY A 111 4.42 4.69 10.91
C GLY A 111 3.99 5.43 12.17
N GLN A 112 2.78 6.00 12.17
CA GLN A 112 2.24 6.72 13.33
C GLN A 112 2.05 5.77 14.54
N TYR A 113 1.51 4.57 14.31
CA TYR A 113 1.34 3.61 15.41
C TYR A 113 2.69 3.21 16.03
N SER A 114 3.69 2.99 15.17
N SER A 114 3.70 3.01 15.19
CA SER A 114 5.05 2.66 15.60
CA SER A 114 5.04 2.65 15.67
C SER A 114 5.67 3.78 16.44
C SER A 114 5.70 3.80 16.45
N VAL A 115 5.48 5.04 16.02
CA VAL A 115 5.95 6.22 16.77
C VAL A 115 5.24 6.32 18.14
N GLY A 116 3.95 5.95 18.18
CA GLY A 116 3.24 5.77 19.44
C GLY A 116 3.90 4.77 20.38
N GLY A 117 4.50 3.72 19.83
CA GLY A 117 5.26 2.75 20.63
C GLY A 117 6.76 2.99 20.70
N ILE A 118 7.20 4.21 20.49
CA ILE A 118 8.63 4.55 20.51
C ILE A 118 9.34 4.07 21.78
N GLY A 119 8.65 4.10 22.90
CA GLY A 119 9.18 3.69 24.19
C GLY A 119 9.33 2.21 24.42
N GLN A 120 8.87 1.38 23.48
CA GLN A 120 9.21 -0.06 23.50
C GLN A 120 10.71 -0.19 23.31
N LYS A 121 11.30 -1.26 23.86
CA LYS A 121 12.72 -1.54 23.59
C LYS A 121 12.88 -1.80 22.09
N GLY A 122 13.85 -1.14 21.46
CA GLY A 122 14.01 -1.22 20.02
C GLY A 122 13.01 -0.39 19.23
N GLY A 123 12.32 0.53 19.90
CA GLY A 123 11.24 1.30 19.27
C GLY A 123 11.70 2.24 18.18
N LEU A 124 12.92 2.78 18.28
CA LEU A 124 13.44 3.70 17.26
C LEU A 124 13.73 2.98 15.93
N GLU A 125 14.35 1.82 16.04
CA GLU A 125 14.65 0.95 14.90
C GLU A 125 13.36 0.50 14.20
N LYS A 126 12.32 0.24 14.98
CA LYS A 126 11.03 -0.20 14.45
C LYS A 126 10.44 0.91 13.60
N VAL A 127 10.45 2.15 14.10
CA VAL A 127 9.92 3.29 13.34
C VAL A 127 10.67 3.49 12.01
N ARG A 128 12.00 3.49 12.06
CA ARG A 128 12.79 3.70 10.85
C ARG A 128 12.62 2.56 9.84
N SER A 129 12.50 1.33 10.34
CA SER A 129 12.24 0.18 9.48
C SER A 129 10.89 0.35 8.75
N VAL A 130 9.88 0.76 9.49
CA VAL A 130 8.55 0.97 8.92
C VAL A 130 8.56 2.04 7.82
N PHE A 131 9.18 3.19 8.07
CA PHE A 131 9.24 4.26 7.07
C PHE A 131 10.09 3.91 5.85
N GLU A 132 11.23 3.24 6.05
CA GLU A 132 12.04 2.77 4.92
C GLU A 132 11.28 1.76 4.06
N ARG A 133 10.57 0.84 4.69
CA ARG A 133 9.74 -0.12 3.95
C ARG A 133 8.59 0.55 3.19
N ALA A 134 7.94 1.52 3.84
CA ALA A 134 6.95 2.36 3.17
C ALA A 134 7.54 3.07 1.97
N LEU A 135 8.72 3.68 2.13
CA LEU A 135 9.35 4.39 1.04
C LEU A 135 9.72 3.45 -0.11
N SER A 136 10.19 2.25 0.21
CA SER A 136 10.45 1.23 -0.81
C SER A 136 9.24 0.88 -1.67
N SER A 137 8.04 0.89 -1.08
CA SER A 137 6.82 0.54 -1.81
C SER A 137 6.22 1.74 -2.53
N VAL A 138 6.07 2.87 -1.82
CA VAL A 138 5.28 4.02 -2.29
C VAL A 138 6.02 5.35 -2.35
N GLY A 139 7.33 5.34 -2.09
CA GLY A 139 8.11 6.58 -2.05
C GLY A 139 8.22 7.27 -3.39
N LEU A 140 8.03 6.51 -4.49
CA LEU A 140 7.98 7.08 -5.84
C LEU A 140 6.58 7.47 -6.30
N HIS A 141 5.56 7.29 -5.46
CA HIS A 141 4.18 7.53 -5.87
C HIS A 141 3.99 9.05 -6.00
N MET A 142 3.61 9.48 -7.21
CA MET A 142 3.70 10.91 -7.58
C MET A 142 2.76 11.86 -6.81
N THR A 143 1.60 11.35 -6.44
CA THR A 143 0.61 12.08 -5.65
C THR A 143 0.54 11.72 -4.15
N LYS A 144 0.96 10.50 -3.79
CA LYS A 144 0.79 9.99 -2.43
C LYS A 144 2.08 9.67 -1.67
N GLY A 145 3.22 9.65 -2.36
CA GLY A 145 4.49 9.34 -1.74
C GLY A 145 4.99 10.46 -0.83
N LEU A 146 4.66 11.71 -1.18
CA LEU A 146 5.17 12.87 -0.47
C LEU A 146 4.77 12.91 1.00
N ALA A 147 3.53 12.52 1.32
CA ALA A 147 3.10 12.48 2.73
C ALA A 147 4.01 11.59 3.59
N LEU A 148 4.57 10.53 3.00
CA LEU A 148 5.46 9.64 3.75
C LEU A 148 6.86 10.22 3.96
N TRP A 149 7.40 10.85 2.93
CA TRP A 149 8.66 11.58 3.08
C TRP A 149 8.52 12.64 4.17
N GLU A 150 7.44 13.41 4.13
CA GLU A 150 7.21 14.47 5.13
C GLU A 150 7.02 13.92 6.53
N ALA A 151 6.27 12.83 6.67
CA ALA A 151 6.08 12.19 7.99
C ALA A 151 7.38 11.69 8.58
N TYR A 152 8.22 11.13 7.73
CA TYR A 152 9.49 10.53 8.15
C TYR A 152 10.45 11.67 8.58
N ARG A 153 10.49 12.74 7.81
CA ARG A 153 11.28 13.94 8.18
C ARG A 153 10.78 14.60 9.47
N GLU A 154 9.47 14.73 9.65
CA GLU A 154 8.92 15.25 10.93
C GLU A 154 9.30 14.38 12.13
N PHE A 155 9.38 13.07 11.94
CA PHE A 155 9.81 12.19 13.01
C PHE A 155 11.29 12.39 13.34
N GLU A 156 12.12 12.33 12.31
CA GLU A 156 13.56 12.47 12.48
C GLU A 156 13.95 13.87 13.05
N SER A 157 13.24 14.92 12.65
CA SER A 157 13.43 16.29 13.20
C SER A 157 13.15 16.32 14.68
N ALA A 158 12.05 15.69 15.08
CA ALA A 158 11.59 15.69 16.47
C ALA A 158 12.49 14.92 17.45
N ILE A 159 13.60 14.37 16.99
CA ILE A 159 14.57 13.71 17.88
C ILE A 159 16.04 14.20 17.78
N VAL A 160 16.36 15.10 16.84
CA VAL A 160 17.73 15.62 16.69
C VAL A 160 18.03 16.69 17.74
N LEU A 165 21.32 16.70 13.10
CA LEU A 165 20.17 16.50 12.21
C LEU A 165 20.59 16.24 10.74
N GLU A 166 21.56 15.34 10.54
CA GLU A 166 22.04 14.93 9.20
C GLU A 166 21.02 14.07 8.43
N LYS A 167 20.33 13.19 9.14
CA LYS A 167 19.31 12.32 8.55
C LYS A 167 18.17 13.08 7.89
N VAL A 168 17.84 14.24 8.43
CA VAL A 168 16.83 15.11 7.81
C VAL A 168 17.36 15.68 6.48
N HIS A 169 18.65 16.02 6.43
CA HIS A 169 19.29 16.40 5.14
C HIS A 169 19.23 15.27 4.13
N SER A 170 19.52 14.06 4.60
CA SER A 170 19.50 12.86 3.78
C SER A 170 18.14 12.65 3.08
N LEU A 171 17.07 12.80 3.87
CA LEU A 171 15.70 12.61 3.39
C LEU A 171 15.21 13.72 2.47
N PHE A 172 15.62 14.97 2.73
CA PHE A 172 15.38 16.05 1.78
C PHE A 172 16.06 15.74 0.45
N ARG A 173 17.34 15.36 0.51
CA ARG A 173 18.14 15.15 -0.70
C ARG A 173 17.68 13.90 -1.47
N ARG A 174 17.39 12.81 -0.75
CA ARG A 174 16.80 11.61 -1.38
C ARG A 174 15.49 11.93 -2.10
N GLN A 175 14.59 12.64 -1.42
CA GLN A 175 13.31 12.98 -2.02
C GLN A 175 13.47 13.81 -3.29
N LEU A 176 14.34 14.81 -3.22
CA LEU A 176 14.51 15.78 -4.32
C LEU A 176 15.14 15.20 -5.59
N ALA A 177 15.75 14.01 -5.50
CA ALA A 177 16.10 13.23 -6.69
C ALA A 177 14.91 12.51 -7.38
N ILE A 178 13.69 12.63 -6.86
CA ILE A 178 12.54 11.85 -7.33
C ILE A 178 11.47 12.80 -7.82
N PRO A 179 10.81 12.47 -8.95
CA PRO A 179 9.68 13.30 -9.38
C PRO A 179 8.40 13.08 -8.54
N LEU A 180 7.99 14.11 -7.81
CA LEU A 180 6.72 14.11 -7.07
C LEU A 180 6.02 15.44 -7.24
N TYR A 181 4.70 15.42 -7.22
CA TYR A 181 3.93 16.67 -7.17
C TYR A 181 4.29 17.47 -5.90
N ASP A 182 4.31 18.81 -6.06
CA ASP A 182 4.75 19.78 -5.05
C ASP A 182 6.21 19.66 -4.63
N MET A 183 7.04 19.07 -5.48
CA MET A 183 8.48 19.00 -5.21
C MET A 183 9.17 20.38 -5.31
N GLU A 184 8.52 21.34 -5.98
CA GLU A 184 8.98 22.74 -5.96
C GLU A 184 8.94 23.28 -4.53
N ALA A 185 7.80 23.11 -3.85
CA ALA A 185 7.64 23.49 -2.45
C ALA A 185 8.65 22.84 -1.49
N THR A 186 8.99 21.58 -1.75
CA THR A 186 10.02 20.88 -0.97
C THR A 186 11.41 21.49 -1.18
N PHE A 187 11.72 21.89 -2.40
CA PHE A 187 13.00 22.55 -2.68
C PHE A 187 13.12 23.89 -1.95
N ALA A 188 12.06 24.69 -2.01
CA ALA A 188 11.96 25.95 -1.27
C ALA A 188 12.11 25.71 0.23
N GLU A 189 11.36 24.72 0.73
CA GLU A 189 11.41 24.31 2.14
C GLU A 189 12.84 23.97 2.56
N TYR A 190 13.56 23.24 1.71
CA TYR A 190 14.91 22.79 2.04
C TYR A 190 15.91 23.94 2.04
N GLU A 191 15.81 24.83 1.04
CA GLU A 191 16.58 26.09 1.02
C GLU A 191 16.40 26.87 2.35
N GLU A 192 15.15 27.27 2.65
CA GLU A 192 14.84 28.00 3.89
C GLU A 192 15.27 27.29 5.19
N TRP A 193 15.15 25.95 5.21
CA TRP A 193 15.53 25.14 6.38
C TRP A 193 17.04 25.02 6.55
N SER A 194 17.72 24.77 5.43
CA SER A 194 19.16 24.54 5.44
C SER A 194 19.93 25.83 5.78
N GLU A 195 20.85 25.73 6.75
CA GLU A 195 21.78 26.84 7.06
C GLU A 195 22.76 26.98 5.89
N ASP A 196 23.49 25.91 5.57
CA ASP A 196 24.31 25.84 4.35
C ASP A 196 23.44 25.83 3.08
N PRO A 197 24.07 26.09 1.91
CA PRO A 197 23.34 25.95 0.64
C PRO A 197 23.36 24.50 0.11
N ILE A 198 22.48 24.23 -0.85
CA ILE A 198 22.28 22.87 -1.38
C ILE A 198 23.38 22.57 -2.40
N PRO A 199 24.04 21.39 -2.32
CA PRO A 199 25.08 21.06 -3.31
C PRO A 199 24.67 21.07 -4.79
N GLU A 200 25.67 20.93 -5.66
CA GLU A 200 25.46 20.98 -7.11
C GLU A 200 24.84 19.69 -7.63
N SER A 201 25.34 18.56 -7.14
CA SER A 201 24.82 17.24 -7.50
C SER A 201 23.32 17.16 -7.19
N VAL A 202 22.94 17.61 -6.00
CA VAL A 202 21.51 17.64 -5.61
C VAL A 202 20.69 18.64 -6.45
N ILE A 203 21.28 19.79 -6.79
CA ILE A 203 20.65 20.73 -7.72
C ILE A 203 20.48 20.12 -9.13
N GLN A 204 21.47 19.33 -9.57
CA GLN A 204 21.45 18.65 -10.88
C GLN A 204 20.40 17.52 -10.96
N ASN A 205 20.37 16.67 -9.94
CA ASN A 205 19.35 15.61 -9.81
C ASN A 205 17.93 16.12 -9.68
N TYR A 206 17.77 17.25 -8.99
CA TYR A 206 16.49 17.95 -8.89
C TYR A 206 15.97 18.44 -10.24
N ASN A 207 16.89 18.93 -11.08
CA ASN A 207 16.53 19.34 -12.43
C ASN A 207 16.14 18.15 -13.27
N LYS A 208 16.95 17.09 -13.22
CA LYS A 208 16.60 15.80 -13.86
C LYS A 208 15.22 15.27 -13.41
N ALA A 209 14.90 15.44 -12.12
CA ALA A 209 13.62 15.01 -11.55
C ALA A 209 12.45 15.88 -12.00
N LEU A 210 12.70 17.18 -12.15
CA LEU A 210 11.70 18.09 -12.74
C LEU A 210 11.40 17.73 -14.20
N GLN A 211 12.44 17.39 -14.95
CA GLN A 211 12.28 16.91 -16.33
C GLN A 211 11.38 15.68 -16.37
N GLN A 212 11.71 14.68 -15.53
CA GLN A 212 10.87 13.49 -15.35
C GLN A 212 9.43 13.84 -15.01
N LEU A 213 9.24 14.76 -14.06
CA LEU A 213 7.90 15.16 -13.65
C LEU A 213 7.07 15.68 -14.84
N GLU A 214 7.66 16.56 -15.66
CA GLU A 214 6.97 17.10 -16.84
C GLU A 214 6.59 16.01 -17.84
N LYS A 215 7.55 15.14 -18.12
CA LYS A 215 7.34 13.95 -18.93
C LYS A 215 6.13 13.11 -18.46
N TYR A 216 6.00 12.90 -17.14
CA TYR A 216 4.90 12.09 -16.58
C TYR A 216 3.57 12.80 -16.42
N LYS A 217 3.58 14.14 -16.37
CA LYS A 217 2.36 14.94 -16.17
C LYS A 217 1.18 14.64 -17.10
N PRO A 218 1.42 14.47 -18.42
CA PRO A 218 0.29 14.07 -19.30
C PRO A 218 -0.38 12.73 -18.89
N TYR A 219 0.43 11.75 -18.49
CA TYR A 219 -0.08 10.45 -18.09
C TYR A 219 -0.88 10.50 -16.78
N GLU A 220 -0.39 11.28 -15.82
CA GLU A 220 -1.10 11.51 -14.56
C GLU A 220 -2.43 12.24 -14.80
N GLU A 221 -2.41 13.24 -15.67
CA GLU A 221 -3.62 14.01 -16.01
C GLU A 221 -4.68 13.15 -16.68
N ALA A 222 -4.25 12.28 -17.59
CA ALA A 222 -5.12 11.27 -18.21
C ALA A 222 -5.82 10.38 -17.19
N LEU A 223 -5.06 9.89 -16.19
CA LEU A 223 -5.64 9.12 -15.08
C LEU A 223 -6.70 9.94 -14.37
N LEU A 224 -6.32 11.13 -13.91
CA LEU A 224 -7.23 12.00 -13.16
C LEU A 224 -8.47 12.40 -13.98
N GLN A 225 -8.29 12.65 -15.27
CA GLN A 225 -9.41 13.01 -16.17
C GLN A 225 -10.36 11.84 -16.47
N ALA A 226 -9.81 10.62 -16.62
CA ALA A 226 -10.58 9.43 -17.00
C ALA A 226 -11.44 8.88 -15.87
N GLU A 227 -12.54 8.22 -16.22
CA GLU A 227 -13.44 7.60 -15.24
C GLU A 227 -12.78 6.34 -14.63
N ALA A 228 -13.17 6.02 -13.40
CA ALA A 228 -12.67 4.83 -12.69
C ALA A 228 -13.31 3.60 -13.30
N PRO A 229 -12.56 2.51 -13.55
CA PRO A 229 -11.20 2.27 -13.05
C PRO A 229 -10.05 2.64 -14.00
N ARG A 230 -10.34 3.46 -15.02
CA ARG A 230 -9.33 4.05 -15.93
C ARG A 230 -8.30 3.07 -16.52
N LEU A 231 -8.79 1.90 -16.94
CA LEU A 231 -7.93 0.81 -17.38
C LEU A 231 -7.00 1.16 -18.56
N ALA A 232 -7.56 1.78 -19.60
CA ALA A 232 -6.79 2.17 -20.79
C ALA A 232 -5.70 3.17 -20.46
N GLU A 233 -6.00 4.09 -19.56
CA GLU A 233 -5.06 5.13 -19.18
C GLU A 233 -3.94 4.51 -18.35
N TYR A 234 -4.27 3.54 -17.50
CA TYR A 234 -3.24 2.74 -16.82
C TYR A 234 -2.40 1.93 -17.77
N GLN A 235 -3.03 1.22 -18.72
N GLN A 235 -3.06 1.24 -18.72
CA GLN A 235 -2.27 0.40 -19.67
CA GLN A 235 -2.40 0.43 -19.74
C GLN A 235 -1.31 1.24 -20.51
C GLN A 235 -1.36 1.24 -20.52
N ALA A 236 -1.75 2.44 -20.93
CA ALA A 236 -0.87 3.39 -21.64
C ALA A 236 0.29 3.87 -20.77
N TYR A 237 -0.01 4.16 -19.49
CA TYR A 237 1.05 4.53 -18.54
C TYR A 237 2.05 3.38 -18.38
N ILE A 238 1.54 2.16 -18.22
CA ILE A 238 2.41 0.96 -18.12
C ILE A 238 3.30 0.82 -19.36
N ASP A 239 2.72 0.92 -20.56
CA ASP A 239 3.50 0.92 -21.84
C ASP A 239 4.62 1.94 -21.79
N PHE A 240 4.26 3.15 -21.34
CA PHE A 240 5.21 4.26 -21.25
C PHE A 240 6.35 3.92 -20.30
N GLU A 241 6.02 3.47 -19.09
CA GLU A 241 7.07 3.08 -18.14
C GLU A 241 7.87 1.87 -18.61
N MET A 242 7.23 0.93 -19.29
CA MET A 242 7.98 -0.22 -19.83
C MET A 242 8.90 0.18 -20.99
N LYS A 243 8.50 1.18 -21.77
CA LYS A 243 9.45 1.80 -22.72
C LYS A 243 10.65 2.40 -21.97
N ILE A 244 10.39 3.12 -20.88
CA ILE A 244 11.46 3.77 -20.09
C ILE A 244 12.37 2.77 -19.35
N GLY A 245 11.81 1.65 -18.87
CA GLY A 245 12.61 0.52 -18.38
C GLY A 245 13.13 0.50 -16.93
N ASP A 246 12.76 1.47 -16.11
CA ASP A 246 13.17 1.45 -14.69
C ASP A 246 12.33 0.38 -13.97
N PRO A 247 12.98 -0.67 -13.45
CA PRO A 247 12.14 -1.71 -12.83
C PRO A 247 11.27 -1.25 -11.65
N ALA A 248 11.78 -0.34 -10.82
CA ALA A 248 11.02 0.17 -9.66
C ALA A 248 9.79 0.92 -10.12
N ARG A 249 9.93 1.69 -11.20
CA ARG A 249 8.83 2.49 -11.72
C ARG A 249 7.76 1.64 -12.42
N ILE A 250 8.20 0.63 -13.16
CA ILE A 250 7.29 -0.31 -13.82
C ILE A 250 6.49 -1.06 -12.74
N GLN A 251 7.19 -1.59 -11.75
CA GLN A 251 6.52 -2.25 -10.64
C GLN A 251 5.46 -1.33 -10.02
N LEU A 252 5.81 -0.07 -9.77
CA LEU A 252 4.89 0.89 -9.17
C LEU A 252 3.62 1.11 -10.00
N ILE A 253 3.78 1.31 -11.31
CA ILE A 253 2.61 1.59 -12.14
C ILE A 253 1.66 0.38 -12.26
N PHE A 254 2.23 -0.81 -12.41
CA PHE A 254 1.44 -2.04 -12.32
C PHE A 254 0.60 -2.04 -11.03
N GLU A 255 1.29 -1.76 -9.91
CA GLU A 255 0.62 -1.80 -8.59
C GLU A 255 -0.49 -0.75 -8.48
N ARG A 256 -0.24 0.46 -8.98
CA ARG A 256 -1.28 1.49 -9.00
C ARG A 256 -2.49 1.05 -9.84
N ALA A 257 -2.21 0.46 -11.00
CA ALA A 257 -3.29 -0.02 -11.88
C ALA A 257 -4.09 -1.12 -11.21
N LEU A 258 -3.40 -2.02 -10.51
CA LEU A 258 -4.05 -3.16 -9.84
C LEU A 258 -4.93 -2.80 -8.65
N VAL A 259 -4.67 -1.67 -8.00
CA VAL A 259 -5.56 -1.17 -6.93
C VAL A 259 -6.99 -1.02 -7.45
N GLU A 260 -7.13 -0.48 -8.67
CA GLU A 260 -8.43 -0.21 -9.27
C GLU A 260 -8.90 -1.32 -10.21
N ASN A 261 -7.97 -2.11 -10.75
CA ASN A 261 -8.29 -3.14 -11.75
C ASN A 261 -7.92 -4.58 -11.33
N CYS A 262 -8.09 -4.88 -10.05
CA CYS A 262 -7.64 -6.14 -9.46
C CYS A 262 -8.41 -7.37 -9.95
N LEU A 263 -9.61 -7.16 -10.48
CA LEU A 263 -10.43 -8.24 -11.07
C LEU A 263 -10.20 -8.46 -12.57
N VAL A 264 -9.12 -7.90 -13.13
CA VAL A 264 -8.75 -8.05 -14.55
C VAL A 264 -7.59 -9.05 -14.67
N PRO A 265 -7.89 -10.32 -15.01
CA PRO A 265 -6.84 -11.34 -15.10
C PRO A 265 -5.73 -11.00 -16.06
N ASP A 266 -6.06 -10.35 -17.18
CA ASP A 266 -5.04 -9.92 -18.17
C ASP A 266 -3.97 -9.00 -17.61
N LEU A 267 -4.34 -8.15 -16.66
CA LEU A 267 -3.39 -7.23 -16.05
C LEU A 267 -2.39 -7.98 -15.16
N TRP A 268 -2.90 -8.86 -14.30
CA TRP A 268 -2.05 -9.77 -13.53
C TRP A 268 -1.10 -10.58 -14.42
N ILE A 269 -1.65 -11.12 -15.52
CA ILE A 269 -0.86 -11.91 -16.48
C ILE A 269 0.27 -11.10 -17.07
N ARG A 270 0.00 -9.84 -17.42
CA ARG A 270 1.02 -8.94 -17.94
C ARG A 270 2.09 -8.63 -16.93
N TYR A 271 1.67 -8.39 -15.67
CA TYR A 271 2.64 -8.21 -14.59
C TYR A 271 3.48 -9.48 -14.43
N SER A 272 2.83 -10.64 -14.48
CA SER A 272 3.51 -11.95 -14.40
C SER A 272 4.52 -12.18 -15.56
N GLN A 273 4.17 -11.74 -16.76
CA GLN A 273 5.09 -11.87 -17.93
C GLN A 273 6.31 -11.00 -17.76
N TYR A 274 6.11 -9.79 -17.24
CA TYR A 274 7.19 -8.88 -16.96
C TYR A 274 8.15 -9.44 -15.91
N LEU A 275 7.59 -10.01 -14.85
CA LEU A 275 8.38 -10.63 -13.78
C LEU A 275 9.10 -11.91 -14.20
N ASP A 276 8.56 -12.62 -15.19
CA ASP A 276 9.24 -13.77 -15.80
C ASP A 276 10.56 -13.40 -16.47
N ARG A 277 10.74 -12.11 -16.78
CA ARG A 277 12.01 -11.57 -17.29
C ARG A 277 12.92 -10.94 -16.21
N GLN A 278 12.82 -11.37 -14.95
CA GLN A 278 13.63 -10.80 -13.85
C GLN A 278 14.33 -11.92 -13.05
N LYS A 280 16.14 -11.79 -10.42
CA LYS A 280 16.72 -11.83 -9.08
C LYS A 280 15.70 -11.43 -7.99
N VAL A 281 14.42 -11.80 -8.18
CA VAL A 281 13.34 -11.28 -7.32
C VAL A 281 12.30 -12.35 -6.91
N LYS A 282 12.81 -13.45 -6.35
CA LYS A 282 11.94 -14.58 -5.94
C LYS A 282 10.78 -14.18 -5.03
N ASP A 283 11.07 -13.47 -3.95
CA ASP A 283 10.05 -13.10 -2.98
C ASP A 283 8.95 -12.26 -3.61
N LEU A 284 9.36 -11.29 -4.44
CA LEU A 284 8.42 -10.44 -5.16
C LEU A 284 7.54 -11.24 -6.11
N VAL A 285 8.17 -12.10 -6.89
CA VAL A 285 7.46 -12.90 -7.90
C VAL A 285 6.38 -13.76 -7.24
N LEU A 286 6.75 -14.46 -6.16
CA LEU A 286 5.82 -15.37 -5.51
C LEU A 286 4.70 -14.63 -4.75
N SER A 287 5.01 -13.48 -4.17
CA SER A 287 3.97 -12.71 -3.49
C SER A 287 2.94 -12.15 -4.50
N VAL A 288 3.43 -11.70 -5.67
CA VAL A 288 2.56 -11.19 -6.73
C VAL A 288 1.63 -12.28 -7.24
N HIS A 289 2.17 -13.47 -7.52
CA HIS A 289 1.31 -14.58 -7.94
C HIS A 289 0.28 -15.04 -6.90
N ASN A 290 0.65 -15.04 -5.63
CA ASN A 290 -0.34 -15.35 -4.60
C ASN A 290 -1.49 -14.33 -4.62
N ARG A 291 -1.15 -13.05 -4.73
CA ARG A 291 -2.16 -11.98 -4.77
C ARG A 291 -3.01 -12.13 -6.03
N ALA A 292 -2.37 -12.47 -7.17
CA ALA A 292 -3.12 -12.72 -8.41
C ALA A 292 -4.20 -13.79 -8.27
N ILE A 293 -3.87 -14.93 -7.67
CA ILE A 293 -4.86 -15.99 -7.48
C ILE A 293 -5.89 -15.69 -6.42
N ARG A 294 -5.58 -14.83 -5.45
CA ARG A 294 -6.58 -14.41 -4.48
C ARG A 294 -7.62 -13.47 -5.08
N ASN A 295 -7.18 -12.64 -6.02
CA ASN A 295 -8.05 -11.70 -6.73
C ASN A 295 -8.82 -12.31 -7.91
N CYS A 296 -8.17 -13.24 -8.63
CA CYS A 296 -8.73 -13.89 -9.83
C CYS A 296 -8.62 -15.42 -9.74
N PRO A 297 -9.26 -16.01 -8.72
CA PRO A 297 -9.05 -17.43 -8.48
C PRO A 297 -9.60 -18.36 -9.55
N TRP A 298 -10.50 -17.87 -10.42
CA TRP A 298 -11.04 -18.68 -11.50
C TRP A 298 -10.12 -18.79 -12.73
N THR A 299 -9.03 -18.01 -12.76
CA THR A 299 -8.12 -17.97 -13.92
C THR A 299 -7.03 -19.04 -13.76
N VAL A 300 -7.24 -20.17 -14.44
CA VAL A 300 -6.26 -21.27 -14.41
C VAL A 300 -4.85 -20.84 -14.80
N ALA A 301 -4.71 -19.95 -15.80
CA ALA A 301 -3.39 -19.47 -16.24
C ALA A 301 -2.54 -18.85 -15.11
N LEU A 302 -3.20 -18.14 -14.20
CA LEU A 302 -2.51 -17.55 -13.05
C LEU A 302 -2.04 -18.59 -12.03
N TRP A 303 -2.83 -19.62 -11.80
CA TRP A 303 -2.39 -20.76 -10.97
C TRP A 303 -1.25 -21.49 -11.64
N SER A 304 -1.34 -21.71 -12.96
CA SER A 304 -0.24 -22.35 -13.70
C SER A 304 1.04 -21.56 -13.59
N ARG A 305 0.92 -20.25 -13.86
CA ARG A 305 2.03 -19.33 -13.71
C ARG A 305 2.64 -19.30 -12.31
N TYR A 306 1.79 -19.33 -11.27
CA TYR A 306 2.27 -19.38 -9.88
C TYR A 306 3.14 -20.63 -9.68
N LEU A 307 2.63 -21.79 -10.08
CA LEU A 307 3.38 -23.04 -9.89
C LEU A 307 4.64 -23.16 -10.73
N LEU A 308 4.62 -22.61 -11.94
CA LEU A 308 5.82 -22.52 -12.78
C LEU A 308 6.88 -21.61 -12.12
N ALA A 309 6.44 -20.49 -11.55
CA ALA A 309 7.33 -19.59 -10.83
C ALA A 309 7.98 -20.24 -9.61
N MET A 310 7.21 -21.01 -8.87
CA MET A 310 7.77 -21.75 -7.73
C MET A 310 8.82 -22.76 -8.16
N GLU A 311 8.55 -23.48 -9.24
CA GLU A 311 9.53 -24.39 -9.81
C GLU A 311 10.79 -23.62 -10.23
N ARG A 312 10.60 -22.58 -11.04
CA ARG A 312 11.70 -21.78 -11.59
C ARG A 312 12.64 -21.23 -10.52
N HIS A 313 12.08 -20.86 -9.36
CA HIS A 313 12.83 -20.27 -8.24
C HIS A 313 13.23 -21.22 -7.11
N GLY A 314 12.85 -22.50 -7.20
CA GLY A 314 12.94 -23.46 -6.10
C GLY A 314 14.26 -23.46 -5.35
#